data_3KKA
#
_entry.id   3KKA
#
_cell.length_a   57.554
_cell.length_b   56.071
_cell.length_c   107.617
_cell.angle_alpha   90.00
_cell.angle_beta   90.00
_cell.angle_gamma   90.00
#
_symmetry.space_group_name_H-M   'P 21 21 21'
#
loop_
_entity.id
_entity.type
_entity.pdbx_description
1 polymer 'EPHRIN TYPE-A RECEPTOR 1'
2 polymer 'EPHRIN TYPE-A RECEPTOR 2'
3 non-polymer 'CHLORIDE ION'
4 water water
#
loop_
_entity_poly.entity_id
_entity_poly.type
_entity_poly.pdbx_seq_one_letter_code
_entity_poly.pdbx_strand_id
1 'polypeptide(L)'
;MHHHHHHSSGRENLYFQGDGIPYRTVSEWLESIRMKRYILHFHSAGLDTMECVLELTAEDLTQMGITLPGHQKRILCSIQ
GF
;
A,B
2 'polypeptide(L)'
;MHHHHHHSSGRENLYFQGVPFRTVSEWLESIKMQQYTEHFMAAGYTAIEKVVQMTNDDIKRIGVRLPGHQKRIAYSLLGL
KDQVNT
;
C,D,E
#
# COMPACT_ATOMS: atom_id res chain seq x y z
N ASP A 19 -25.56 -16.55 8.21
CA ASP A 19 -24.18 -16.55 7.60
C ASP A 19 -23.20 -15.65 8.43
N GLY A 20 -23.48 -14.36 8.44
CA GLY A 20 -22.80 -13.40 9.32
C GLY A 20 -21.43 -12.94 8.83
N ILE A 21 -21.07 -13.31 7.61
CA ILE A 21 -19.83 -12.90 7.03
C ILE A 21 -20.14 -11.66 6.18
N PRO A 22 -19.51 -10.52 6.50
CA PRO A 22 -19.86 -9.25 5.84
C PRO A 22 -19.32 -9.07 4.41
N TYR A 23 -18.69 -10.08 3.82
CA TYR A 23 -18.17 -9.97 2.44
C TYR A 23 -18.66 -11.13 1.63
N ARG A 24 -18.93 -10.93 0.33
CA ARG A 24 -19.46 -11.99 -0.53
C ARG A 24 -18.36 -12.87 -1.09
N THR A 25 -17.26 -12.26 -1.50
CA THR A 25 -16.18 -13.03 -2.15
C THR A 25 -14.84 -12.76 -1.45
N VAL A 26 -13.93 -13.72 -1.55
CA VAL A 26 -12.57 -13.54 -1.03
C VAL A 26 -11.90 -12.28 -1.60
N SER A 27 -12.04 -12.09 -2.90
CA SER A 27 -11.67 -10.85 -3.56
C SER A 27 -12.19 -9.54 -2.88
N GLU A 28 -13.50 -9.43 -2.73
CA GLU A 28 -14.10 -8.23 -2.13
C GLU A 28 -13.58 -8.06 -0.70
N TRP A 29 -13.47 -9.18 0.01
CA TRP A 29 -12.94 -9.19 1.37
C TRP A 29 -11.51 -8.67 1.36
N LEU A 30 -10.68 -9.25 0.52
CA LEU A 30 -9.27 -8.81 0.46
C LEU A 30 -9.08 -7.36 0.05
N GLU A 31 -9.86 -6.90 -0.94
CA GLU A 31 -9.90 -5.49 -1.34
C GLU A 31 -10.15 -4.62 -0.11
N SER A 32 -11.20 -4.95 0.64
CA SER A 32 -11.57 -4.19 1.86
C SER A 32 -10.45 -4.00 2.86
N ILE A 33 -9.61 -5.01 3.04
CA ILE A 33 -8.47 -4.85 3.99
C ILE A 33 -7.13 -4.54 3.29
N ARG A 34 -7.21 -4.23 1.99
CA ARG A 34 -6.06 -3.82 1.18
C ARG A 34 -4.99 -4.91 1.13
N MET A 35 -5.43 -6.14 0.91
CA MET A 35 -4.55 -7.29 0.92
C MET A 35 -4.87 -8.14 -0.32
N LYS A 36 -5.48 -7.52 -1.33
CA LYS A 36 -5.79 -8.24 -2.59
C LYS A 36 -4.54 -8.67 -3.37
N ARG A 37 -3.38 -8.05 -3.09
CA ARG A 37 -2.07 -8.55 -3.58
C ARG A 37 -1.89 -10.08 -3.39
N TYR A 38 -2.67 -10.66 -2.47
CA TYR A 38 -2.48 -12.03 -2.05
C TYR A 38 -3.56 -12.93 -2.59
N ILE A 39 -4.35 -12.45 -3.54
CA ILE A 39 -5.48 -13.23 -4.08
C ILE A 39 -5.04 -14.59 -4.67
N LEU A 40 -3.96 -14.57 -5.42
CA LEU A 40 -3.46 -15.77 -6.08
C LEU A 40 -3.00 -16.78 -5.03
N HIS A 41 -2.42 -16.28 -3.93
CA HIS A 41 -2.02 -17.14 -2.81
C HIS A 41 -3.21 -17.91 -2.23
N PHE A 42 -4.35 -17.25 -2.08
CA PHE A 42 -5.57 -17.91 -1.61
C PHE A 42 -6.11 -18.98 -2.58
N HIS A 43 -6.15 -18.67 -3.87
CA HIS A 43 -6.55 -19.64 -4.87
C HIS A 43 -5.59 -20.85 -4.90
N SER A 44 -4.28 -20.59 -4.89
CA SER A 44 -3.27 -21.67 -4.78
C SER A 44 -3.56 -22.61 -3.61
N ALA A 45 -3.94 -22.05 -2.47
CA ALA A 45 -4.21 -22.89 -1.31
C ALA A 45 -5.64 -23.47 -1.33
N GLY A 46 -6.38 -23.26 -2.42
CA GLY A 46 -7.73 -23.79 -2.51
C GLY A 46 -8.65 -23.13 -1.51
N LEU A 47 -8.39 -21.84 -1.26
CA LEU A 47 -9.23 -21.04 -0.41
C LEU A 47 -10.05 -20.12 -1.33
N ASP A 48 -11.20 -20.61 -1.76
CA ASP A 48 -11.95 -19.94 -2.82
C ASP A 48 -13.24 -19.26 -2.36
N THR A 49 -13.76 -19.67 -1.20
CA THR A 49 -14.94 -19.06 -0.63
C THR A 49 -14.60 -18.51 0.73
N MET A 50 -15.39 -17.53 1.15
CA MET A 50 -15.26 -16.90 2.43
C MET A 50 -15.29 -17.92 3.55
N GLU A 51 -16.12 -18.96 3.38
CA GLU A 51 -16.32 -19.98 4.39
C GLU A 51 -15.01 -20.71 4.70
N CYS A 52 -14.15 -20.78 3.70
CA CYS A 52 -12.90 -21.51 3.82
C CYS A 52 -11.92 -20.78 4.71
N VAL A 53 -12.05 -19.46 4.84
CA VAL A 53 -11.01 -18.68 5.52
C VAL A 53 -11.22 -18.59 7.04
N LEU A 54 -12.34 -19.11 7.52
CA LEU A 54 -12.72 -18.85 8.91
C LEU A 54 -11.75 -19.40 9.95
N GLU A 55 -11.03 -20.46 9.64
CA GLU A 55 -10.21 -21.13 10.64
C GLU A 55 -8.73 -20.90 10.43
N LEU A 56 -8.37 -20.00 9.53
CA LEU A 56 -6.99 -19.68 9.30
C LEU A 56 -6.28 -19.34 10.59
N THR A 57 -5.07 -19.87 10.71
CA THR A 57 -4.16 -19.47 11.75
C THR A 57 -2.97 -18.74 11.06
N ALA A 58 -2.07 -18.20 11.87
CA ALA A 58 -0.80 -17.66 11.38
C ALA A 58 0.07 -18.76 10.73
N GLU A 59 0.09 -19.95 11.30
CA GLU A 59 0.81 -21.04 10.68
C GLU A 59 0.26 -21.30 9.26
N ASP A 60 -1.07 -21.32 9.08
CA ASP A 60 -1.61 -21.51 7.70
C ASP A 60 -1.20 -20.38 6.77
N LEU A 61 -1.18 -19.15 7.28
CA LEU A 61 -0.80 -18.03 6.43
C LEU A 61 0.63 -18.17 6.02
N THR A 62 1.48 -18.49 6.99
CA THR A 62 2.90 -18.80 6.71
C THR A 62 3.06 -19.79 5.54
N GLN A 63 2.36 -20.92 5.60
CA GLN A 63 2.45 -21.95 4.56
C GLN A 63 1.85 -21.52 3.23
N MET A 64 1.04 -20.46 3.26
CA MET A 64 0.50 -19.86 2.06
C MET A 64 1.53 -18.96 1.44
N GLY A 65 2.61 -18.71 2.18
CA GLY A 65 3.66 -17.73 1.78
C GLY A 65 3.22 -16.33 2.15
N ILE A 66 2.29 -16.20 3.12
CA ILE A 66 1.96 -14.88 3.69
C ILE A 66 2.60 -14.79 5.08
N THR A 67 3.81 -14.23 5.13
CA THR A 67 4.69 -14.46 6.29
C THR A 67 4.89 -13.24 7.15
N LEU A 68 4.77 -12.05 6.54
CA LEU A 68 4.92 -10.79 7.28
C LEU A 68 3.87 -10.66 8.37
N PRO A 69 4.31 -10.45 9.63
CA PRO A 69 3.45 -10.30 10.81
C PRO A 69 2.30 -9.32 10.64
N GLY A 70 2.61 -8.09 10.20
CA GLY A 70 1.65 -7.04 9.90
C GLY A 70 0.55 -7.52 9.01
N HIS A 71 0.91 -8.32 8.02
CA HIS A 71 -0.09 -8.77 7.05
C HIS A 71 -0.93 -9.89 7.63
N GLN A 72 -0.28 -10.75 8.40
CA GLN A 72 -1.00 -11.77 9.12
C GLN A 72 -2.06 -11.16 10.07
N LYS A 73 -1.61 -10.22 10.93
CA LYS A 73 -2.45 -9.49 11.89
C LYS A 73 -3.65 -8.87 11.18
N ARG A 74 -3.37 -8.15 10.11
CA ARG A 74 -4.41 -7.55 9.29
C ARG A 74 -5.51 -8.56 8.84
N ILE A 75 -5.10 -9.72 8.35
CA ILE A 75 -6.03 -10.76 7.90
C ILE A 75 -6.76 -11.44 9.06
N LEU A 76 -6.01 -11.78 10.11
CA LEU A 76 -6.56 -12.48 11.26
C LEU A 76 -7.51 -11.62 12.09
N CYS A 77 -7.13 -10.37 12.39
CA CYS A 77 -8.09 -9.46 13.07
C CYS A 77 -9.41 -9.24 12.28
N SER A 78 -9.27 -9.15 10.97
CA SER A 78 -10.40 -8.93 10.10
C SER A 78 -11.35 -10.12 10.29
N ILE A 79 -10.80 -11.34 10.25
CA ILE A 79 -11.61 -12.54 10.49
C ILE A 79 -12.28 -12.53 11.89
N GLN A 80 -11.54 -12.28 12.96
N GLN A 80 -11.52 -12.26 12.96
CA GLN A 80 -12.16 -12.20 14.28
CA GLN A 80 -12.12 -12.20 14.31
C GLN A 80 -13.30 -11.21 14.27
C GLN A 80 -13.21 -11.14 14.38
N GLY A 81 -13.14 -10.14 13.50
CA GLY A 81 -14.08 -9.03 13.48
C GLY A 81 -15.36 -9.33 12.75
N PHE A 82 -15.47 -10.49 12.07
CA PHE A 82 -16.69 -10.80 11.32
C PHE A 82 -17.91 -10.91 12.27
N GLY B 20 1.18 4.49 8.45
CA GLY B 20 1.01 3.03 8.68
C GLY B 20 -0.45 2.58 8.73
N ILE B 21 -1.36 3.47 8.33
CA ILE B 21 -2.81 3.23 8.42
C ILE B 21 -3.37 3.09 7.00
N PRO B 22 -4.16 2.05 6.74
CA PRO B 22 -4.47 1.73 5.36
C PRO B 22 -5.71 2.41 4.76
N TYR B 23 -6.24 3.45 5.41
CA TYR B 23 -7.44 4.14 4.91
C TYR B 23 -7.23 5.63 4.90
N ARG B 24 -7.72 6.26 3.83
CA ARG B 24 -7.54 7.69 3.59
C ARG B 24 -8.36 8.49 4.61
N THR B 25 -9.65 8.15 4.73
CA THR B 25 -10.65 8.91 5.49
C THR B 25 -11.34 8.03 6.53
N VAL B 26 -11.86 8.65 7.60
CA VAL B 26 -12.71 7.92 8.54
C VAL B 26 -13.86 7.23 7.79
N SER B 27 -14.47 7.95 6.85
CA SER B 27 -15.57 7.42 6.03
C SER B 27 -15.20 6.20 5.14
N GLU B 28 -14.01 6.23 4.57
CA GLU B 28 -13.50 5.15 3.73
C GLU B 28 -13.21 3.89 4.57
N TRP B 29 -12.54 4.08 5.70
CA TRP B 29 -12.41 3.04 6.70
C TRP B 29 -13.75 2.36 7.05
N LEU B 30 -14.74 3.17 7.45
CA LEU B 30 -15.98 2.64 7.98
C LEU B 30 -16.77 1.91 6.95
N GLU B 31 -16.76 2.41 5.71
CA GLU B 31 -17.39 1.69 4.58
C GLU B 31 -16.71 0.34 4.35
N SER B 32 -15.39 0.28 4.48
CA SER B 32 -14.63 -0.98 4.31
C SER B 32 -15.00 -2.08 5.29
N ILE B 33 -15.37 -1.70 6.52
CA ILE B 33 -15.76 -2.67 7.51
C ILE B 33 -17.28 -2.68 7.69
N ARG B 34 -17.99 -2.08 6.73
CA ARG B 34 -19.45 -2.05 6.66
C ARG B 34 -20.04 -1.36 7.90
N MET B 35 -19.41 -0.30 8.36
CA MET B 35 -19.92 0.36 9.52
C MET B 35 -20.15 1.83 9.22
N LYS B 36 -20.35 2.15 7.95
CA LYS B 36 -20.66 3.52 7.49
C LYS B 36 -21.86 4.17 8.22
N ARG B 37 -22.83 3.36 8.64
CA ARG B 37 -23.96 3.88 9.44
C ARG B 37 -23.54 4.76 10.64
N TYR B 38 -22.28 4.62 11.10
CA TYR B 38 -21.78 5.35 12.27
C TYR B 38 -20.97 6.60 11.94
N ILE B 39 -20.95 7.01 10.68
CA ILE B 39 -20.15 8.21 10.32
C ILE B 39 -20.44 9.43 11.22
N LEU B 40 -21.72 9.78 11.36
CA LEU B 40 -22.13 10.90 12.23
C LEU B 40 -21.66 10.78 13.69
N HIS B 41 -21.82 9.59 14.26
CA HIS B 41 -21.34 9.29 15.60
C HIS B 41 -19.86 9.68 15.74
N PHE B 42 -19.04 9.33 14.76
CA PHE B 42 -17.60 9.72 14.76
C PHE B 42 -17.40 11.24 14.62
N HIS B 43 -18.12 11.84 13.68
CA HIS B 43 -18.16 13.29 13.55
C HIS B 43 -18.50 13.96 14.89
N SER B 44 -19.52 13.42 15.58
CA SER B 44 -20.00 14.01 16.84
C SER B 44 -19.01 13.94 17.99
N ALA B 45 -18.28 12.84 18.00
CA ALA B 45 -17.22 12.65 18.97
C ALA B 45 -15.94 13.44 18.61
N GLY B 46 -15.95 14.18 17.48
CA GLY B 46 -14.76 14.93 17.00
C GLY B 46 -13.65 14.00 16.52
N LEU B 47 -14.04 12.81 16.08
CA LEU B 47 -13.13 11.81 15.58
C LEU B 47 -13.18 11.95 14.06
N ASP B 48 -12.48 12.96 13.57
CA ASP B 48 -12.53 13.28 12.15
C ASP B 48 -11.37 12.75 11.32
N THR B 49 -10.21 12.55 11.93
CA THR B 49 -9.09 11.97 11.20
C THR B 49 -8.77 10.58 11.70
N MET B 50 -8.13 9.79 10.85
CA MET B 50 -7.76 8.42 11.19
C MET B 50 -6.88 8.33 12.44
N GLU B 51 -5.98 9.29 12.64
CA GLU B 51 -5.10 9.30 13.84
C GLU B 51 -5.90 9.30 15.15
N CYS B 52 -7.12 9.86 15.12
CA CYS B 52 -7.97 10.01 16.31
C CYS B 52 -8.54 8.70 16.84
N VAL B 53 -8.76 7.72 15.95
CA VAL B 53 -9.46 6.47 16.29
C VAL B 53 -8.52 5.42 16.87
N LEU B 54 -7.21 5.66 16.77
CA LEU B 54 -6.24 4.64 17.10
C LEU B 54 -6.40 4.13 18.50
N GLU B 55 -6.92 4.98 19.36
CA GLU B 55 -6.88 4.74 20.78
C GLU B 55 -8.20 4.28 21.36
N LEU B 56 -9.19 4.05 20.50
CA LEU B 56 -10.57 3.82 20.92
C LEU B 56 -10.77 2.54 21.72
N THR B 57 -11.62 2.61 22.73
CA THR B 57 -11.90 1.45 23.58
C THR B 57 -13.37 1.15 23.47
N ALA B 58 -13.76 -0.04 23.91
CA ALA B 58 -15.17 -0.39 23.99
C ALA B 58 -16.01 0.67 24.72
N GLU B 59 -15.48 1.22 25.83
CA GLU B 59 -16.18 2.28 26.60
C GLU B 59 -16.35 3.59 25.79
N ASP B 60 -15.34 3.96 25.02
CA ASP B 60 -15.49 5.11 24.13
C ASP B 60 -16.69 4.89 23.20
N LEU B 61 -16.71 3.72 22.58
CA LEU B 61 -17.77 3.38 21.63
C LEU B 61 -19.16 3.42 22.29
N THR B 62 -19.29 2.89 23.50
CA THR B 62 -20.52 2.96 24.27
C THR B 62 -20.92 4.45 24.36
N GLN B 63 -19.95 5.31 24.68
CA GLN B 63 -20.19 6.74 24.91
C GLN B 63 -20.62 7.44 23.66
N MET B 64 -20.22 6.85 22.53
CA MET B 64 -20.64 7.32 21.21
C MET B 64 -21.99 6.76 20.78
N GLY B 65 -22.63 5.93 21.60
CA GLY B 65 -23.92 5.29 21.23
C GLY B 65 -23.75 4.11 20.27
N ILE B 66 -22.53 3.57 20.24
CA ILE B 66 -22.19 2.35 19.49
C ILE B 66 -22.09 1.25 20.53
N THR B 67 -23.21 0.60 20.78
CA THR B 67 -23.34 -0.33 21.90
C THR B 67 -23.59 -1.75 21.46
N LEU B 68 -24.01 -1.94 20.21
CA LEU B 68 -24.09 -3.29 19.67
C LEU B 68 -22.71 -4.03 19.72
N PRO B 69 -22.63 -5.12 20.51
CA PRO B 69 -21.39 -5.94 20.67
C PRO B 69 -20.67 -6.35 19.35
N GLY B 70 -21.44 -6.82 18.36
CA GLY B 70 -20.93 -7.17 17.03
C GLY B 70 -20.30 -5.95 16.36
N HIS B 71 -20.92 -4.79 16.49
CA HIS B 71 -20.38 -3.56 15.94
C HIS B 71 -19.15 -3.08 16.68
N GLN B 72 -19.16 -3.11 18.01
CA GLN B 72 -17.93 -2.81 18.79
C GLN B 72 -16.74 -3.71 18.33
N LYS B 73 -17.02 -5.01 18.30
CA LYS B 73 -16.05 -5.98 17.85
C LYS B 73 -15.52 -5.70 16.41
N ARG B 74 -16.43 -5.40 15.47
CA ARG B 74 -16.06 -5.18 14.09
C ARG B 74 -15.06 -3.99 14.03
N ILE B 75 -15.40 -2.91 14.72
CA ILE B 75 -14.58 -1.68 14.74
C ILE B 75 -13.26 -1.84 15.48
N LEU B 76 -13.28 -2.40 16.68
CA LEU B 76 -12.00 -2.58 17.43
C LEU B 76 -11.05 -3.61 16.80
N CYS B 77 -11.58 -4.69 16.25
CA CYS B 77 -10.68 -5.62 15.54
C CYS B 77 -10.05 -4.97 14.33
N SER B 78 -10.80 -4.12 13.65
CA SER B 78 -10.27 -3.43 12.50
C SER B 78 -9.09 -2.56 12.91
N ILE B 79 -9.24 -1.88 14.06
CA ILE B 79 -8.18 -1.01 14.54
C ILE B 79 -6.97 -1.83 14.92
N GLN B 80 -7.15 -2.90 15.71
CA GLN B 80 -6.02 -3.80 16.06
C GLN B 80 -5.32 -4.29 14.81
N GLY B 81 -6.04 -4.33 13.69
CA GLY B 81 -5.49 -4.90 12.49
C GLY B 81 -4.71 -3.93 11.63
N PHE B 82 -4.71 -2.62 11.97
CA PHE B 82 -4.06 -1.61 11.11
C PHE B 82 -2.59 -1.88 10.96
N THR C 23 -8.68 14.49 3.84
CA THR C 23 -7.61 14.25 2.79
C THR C 23 -7.02 15.50 2.13
N VAL C 24 -5.73 15.40 1.80
CA VAL C 24 -4.97 16.42 1.09
C VAL C 24 -5.46 16.52 -0.34
N SER C 25 -5.83 15.36 -0.90
CA SER C 25 -6.42 15.30 -2.24
C SER C 25 -7.62 16.23 -2.36
N GLU C 26 -8.49 16.21 -1.35
CA GLU C 26 -9.67 17.07 -1.29
C GLU C 26 -9.27 18.55 -1.30
N TRP C 27 -8.27 18.90 -0.49
CA TRP C 27 -7.75 20.27 -0.39
C TRP C 27 -7.23 20.81 -1.74
N LEU C 28 -6.27 20.12 -2.33
CA LEU C 28 -5.68 20.47 -3.62
C LEU C 28 -6.68 20.54 -4.77
N GLU C 29 -7.67 19.66 -4.72
CA GLU C 29 -8.71 19.59 -5.77
C GLU C 29 -9.54 20.84 -5.77
N SER C 30 -9.72 21.44 -4.59
CA SER C 30 -10.59 22.61 -4.45
C SER C 30 -9.91 23.85 -4.99
N ILE C 31 -8.58 23.83 -5.01
CA ILE C 31 -7.82 24.94 -5.55
C ILE C 31 -7.29 24.66 -6.97
N LYS C 32 -7.75 23.54 -7.54
CA LYS C 32 -7.32 23.08 -8.88
C LYS C 32 -5.80 22.80 -9.00
N MET C 33 -5.23 22.15 -7.99
CA MET C 33 -3.80 21.83 -7.96
C MET C 33 -3.60 20.34 -7.69
N GLN C 34 -4.60 19.52 -8.09
CA GLN C 34 -4.60 18.07 -7.82
C GLN C 34 -3.63 17.27 -8.69
N GLN C 35 -2.99 17.94 -9.65
CA GLN C 35 -1.84 17.40 -10.38
C GLN C 35 -0.62 17.18 -9.44
N TYR C 36 -0.57 17.90 -8.31
CA TYR C 36 0.49 17.70 -7.33
C TYR C 36 0.11 16.72 -6.20
N THR C 37 -1.06 16.10 -6.30
CA THR C 37 -1.58 15.21 -5.24
C THR C 37 -0.60 14.10 -4.92
N GLU C 38 -0.22 13.36 -5.95
CA GLU C 38 0.69 12.23 -5.80
C GLU C 38 2.07 12.67 -5.34
N HIS C 39 2.45 13.89 -5.67
CA HIS C 39 3.69 14.49 -5.18
C HIS C 39 3.61 14.74 -3.70
N PHE C 40 2.47 15.26 -3.25
CA PHE C 40 2.20 15.47 -1.83
C PHE C 40 2.20 14.16 -1.05
N MET C 41 1.53 13.15 -1.61
CA MET C 41 1.46 11.84 -0.98
C MET C 41 2.76 11.07 -0.96
N ALA C 42 3.65 11.35 -1.91
CA ALA C 42 4.97 10.71 -1.94
C ALA C 42 5.87 11.19 -0.80
N ALA C 43 5.90 12.50 -0.57
CA ALA C 43 6.73 13.07 0.50
C ALA C 43 6.20 12.85 1.92
N GLY C 44 5.11 12.10 2.07
CA GLY C 44 4.54 11.81 3.38
C GLY C 44 3.48 12.80 3.85
N TYR C 45 3.26 13.88 3.09
CA TYR C 45 2.21 14.84 3.41
C TYR C 45 0.87 14.28 2.98
N THR C 46 0.37 13.35 3.77
CA THR C 46 -0.78 12.53 3.39
C THR C 46 -2.04 12.92 4.16
N ALA C 47 -1.87 13.55 5.32
CA ALA C 47 -3.00 14.04 6.10
C ALA C 47 -3.04 15.57 6.16
N ILE C 48 -4.23 16.13 6.34
CA ILE C 48 -4.42 17.59 6.41
C ILE C 48 -3.65 18.23 7.57
N GLU C 49 -3.62 17.54 8.72
CA GLU C 49 -2.87 18.06 9.90
C GLU C 49 -1.34 18.00 9.69
N LYS C 50 -0.89 17.14 8.79
CA LYS C 50 0.49 17.14 8.35
C LYS C 50 0.79 18.34 7.43
N VAL C 51 -0.12 18.64 6.49
CA VAL C 51 0.08 19.79 5.59
C VAL C 51 0.16 21.11 6.34
N VAL C 52 -0.40 21.17 7.56
CA VAL C 52 -0.30 22.39 8.39
C VAL C 52 1.17 22.72 8.74
N GLN C 53 1.98 21.68 9.00
CA GLN C 53 3.43 21.82 9.26
C GLN C 53 4.25 22.36 8.08
N MET C 54 3.64 22.47 6.90
CA MET C 54 4.37 22.86 5.70
C MET C 54 4.86 24.31 5.73
N THR C 55 5.99 24.54 5.07
CA THR C 55 6.55 25.87 4.83
C THR C 55 6.64 26.05 3.30
N ASN C 56 6.96 27.26 2.85
CA ASN C 56 7.17 27.49 1.43
C ASN C 56 8.33 26.67 0.82
N ASP C 57 9.45 26.57 1.55
CA ASP C 57 10.60 25.76 1.11
C ASP C 57 10.18 24.31 0.85
N ASP C 58 9.37 23.75 1.75
CA ASP C 58 8.80 22.40 1.60
C ASP C 58 7.91 22.22 0.37
N ILE C 59 7.15 23.26 0.03
CA ILE C 59 6.29 23.28 -1.16
C ILE C 59 7.11 23.11 -2.43
N LYS C 60 8.24 23.81 -2.51
CA LYS C 60 9.13 23.72 -3.68
C LYS C 60 9.94 22.42 -3.65
N ARG C 61 10.21 21.94 -2.44
CA ARG C 61 10.92 20.69 -2.22
C ARG C 61 10.15 19.45 -2.73
N ILE C 62 8.83 19.48 -2.60
CA ILE C 62 7.97 18.37 -3.00
C ILE C 62 7.83 18.21 -4.55
N GLY C 63 8.33 19.19 -5.32
CA GLY C 63 8.18 19.18 -6.76
C GLY C 63 7.27 20.25 -7.37
N VAL C 64 6.66 21.09 -6.53
CA VAL C 64 5.95 22.29 -7.03
C VAL C 64 6.95 23.34 -7.52
N ARG C 65 7.16 23.42 -8.83
CA ARG C 65 8.26 24.20 -9.38
C ARG C 65 7.79 25.57 -9.91
N LEU C 66 6.62 25.61 -10.54
CA LEU C 66 6.01 26.84 -11.07
C LEU C 66 5.66 27.86 -9.97
N PRO C 67 6.21 29.11 -10.08
CA PRO C 67 6.03 30.14 -9.02
C PRO C 67 4.58 30.50 -8.73
N GLY C 68 3.75 30.59 -9.77
CA GLY C 68 2.32 30.84 -9.56
C GLY C 68 1.64 29.68 -8.83
N HIS C 69 1.98 28.44 -9.21
CA HIS C 69 1.53 27.28 -8.45
C HIS C 69 1.98 27.31 -6.96
N GLN C 70 3.22 27.76 -6.71
CA GLN C 70 3.75 27.87 -5.32
C GLN C 70 2.99 28.91 -4.53
N LYS C 71 2.61 30.00 -5.20
CA LYS C 71 1.85 31.09 -4.60
C LYS C 71 0.42 30.69 -4.19
N ARG C 72 -0.32 30.12 -5.14
CA ARG C 72 -1.68 29.63 -4.94
C ARG C 72 -1.73 28.63 -3.77
N ILE C 73 -0.86 27.62 -3.78
CA ILE C 73 -0.79 26.66 -2.69
C ILE C 73 -0.35 27.34 -1.37
N ALA C 74 0.69 28.19 -1.44
CA ALA C 74 1.16 28.94 -0.26
C ALA C 74 0.05 29.70 0.46
N TYR C 75 -0.80 30.37 -0.31
CA TYR C 75 -1.94 31.15 0.25
C TYR C 75 -3.06 30.23 0.68
N SER C 76 -3.36 29.22 -0.13
CA SER C 76 -4.32 28.20 0.27
C SER C 76 -3.90 27.58 1.60
N LEU C 77 -2.58 27.32 1.75
CA LEU C 77 -1.98 26.73 2.96
C LEU C 77 -2.19 27.62 4.18
N LEU C 78 -1.95 28.93 4.02
CA LEU C 78 -2.18 29.90 5.09
C LEU C 78 -3.65 29.95 5.53
N GLY C 79 -4.54 29.69 4.58
CA GLY C 79 -5.98 29.66 4.84
C GLY C 79 -6.40 28.54 5.78
N LEU C 80 -5.70 27.41 5.73
CA LEU C 80 -5.87 26.31 6.69
C LEU C 80 -5.05 26.48 7.99
N LYS C 81 -5.28 27.57 8.71
CA LYS C 81 -4.70 27.80 10.05
C LYS C 81 -5.60 28.68 10.91
N GLY D 18 8.27 -1.61 5.76
CA GLY D 18 8.80 -1.07 7.06
C GLY D 18 10.33 -1.05 7.13
N VAL D 19 10.97 -0.86 5.96
CA VAL D 19 12.43 -0.65 5.92
C VAL D 19 12.76 0.63 5.12
N PRO D 20 13.87 1.33 5.49
CA PRO D 20 14.14 2.69 4.98
C PRO D 20 14.44 2.77 3.47
N PHE D 21 14.03 1.74 2.73
CA PHE D 21 14.27 1.69 1.31
C PHE D 21 12.96 1.75 0.54
N ARG D 22 12.93 2.61 -0.48
CA ARG D 22 11.75 2.73 -1.36
C ARG D 22 11.66 1.61 -2.44
N THR D 23 12.81 1.13 -2.92
CA THR D 23 12.84 0.11 -3.97
C THR D 23 13.84 -1.02 -3.67
N VAL D 24 13.78 -2.10 -4.45
CA VAL D 24 14.79 -3.17 -4.37
C VAL D 24 16.14 -2.58 -4.76
N SER D 25 16.08 -1.66 -5.74
CA SER D 25 17.21 -0.84 -6.20
C SER D 25 17.88 -0.01 -5.11
N GLU D 26 17.09 0.71 -4.31
CA GLU D 26 17.66 1.54 -3.24
C GLU D 26 18.42 0.67 -2.27
N TRP D 27 17.76 -0.42 -1.87
CA TRP D 27 18.37 -1.40 -1.01
C TRP D 27 19.69 -1.89 -1.56
N LEU D 28 19.70 -2.32 -2.81
CA LEU D 28 20.93 -2.87 -3.38
C LEU D 28 22.04 -1.82 -3.58
N GLU D 29 21.65 -0.59 -3.91
CA GLU D 29 22.65 0.46 -4.10
C GLU D 29 23.42 0.69 -2.79
N SER D 30 22.67 0.66 -1.68
CA SER D 30 23.21 0.95 -0.36
C SER D 30 24.26 -0.07 0.11
N ILE D 31 24.35 -1.20 -0.57
CA ILE D 31 25.39 -2.20 -0.32
C ILE D 31 26.25 -2.42 -1.58
N LYS D 32 26.11 -1.52 -2.55
CA LYS D 32 26.84 -1.58 -3.85
C LYS D 32 26.61 -2.89 -4.66
N MET D 33 25.37 -3.38 -4.66
CA MET D 33 25.01 -4.61 -5.39
C MET D 33 23.89 -4.37 -6.40
N GLN D 34 23.81 -3.14 -6.90
CA GLN D 34 22.73 -2.73 -7.81
C GLN D 34 22.83 -3.45 -9.14
N GLN D 35 24.02 -3.97 -9.48
CA GLN D 35 24.20 -4.79 -10.69
C GLN D 35 23.36 -6.10 -10.67
N TYR D 36 22.73 -6.42 -9.53
CA TYR D 36 21.90 -7.63 -9.43
C TYR D 36 20.42 -7.34 -9.49
N THR D 37 20.04 -6.07 -9.60
CA THR D 37 18.63 -5.67 -9.62
C THR D 37 17.76 -6.47 -10.62
N GLU D 38 18.27 -6.65 -11.83
CA GLU D 38 17.57 -7.40 -12.83
C GLU D 38 17.35 -8.86 -12.43
N HIS D 39 18.35 -9.47 -11.78
CA HIS D 39 18.24 -10.86 -11.32
C HIS D 39 17.07 -10.98 -10.36
N PHE D 40 16.95 -10.03 -9.43
CA PHE D 40 15.83 -9.96 -8.52
C PHE D 40 14.54 -9.83 -9.33
N MET D 41 14.48 -8.87 -10.25
CA MET D 41 13.24 -8.58 -10.96
C MET D 41 12.83 -9.77 -11.84
N ALA D 42 13.80 -10.38 -12.52
CA ALA D 42 13.50 -11.51 -13.37
C ALA D 42 12.96 -12.69 -12.55
N ALA D 43 13.33 -12.78 -11.28
CA ALA D 43 12.90 -13.91 -10.46
C ALA D 43 11.58 -13.60 -9.78
N GLY D 44 11.07 -12.39 -10.03
CA GLY D 44 9.78 -11.95 -9.49
C GLY D 44 9.88 -11.24 -8.13
N TYR D 45 11.11 -10.93 -7.70
CA TYR D 45 11.37 -10.12 -6.50
C TYR D 45 11.38 -8.62 -6.83
N THR D 46 10.19 -8.11 -7.18
CA THR D 46 10.05 -6.78 -7.73
C THR D 46 9.67 -5.76 -6.69
N ALA D 47 9.56 -6.19 -5.45
CA ALA D 47 9.26 -5.29 -4.35
C ALA D 47 10.04 -5.76 -3.11
N ILE D 48 10.33 -4.80 -2.23
CA ILE D 48 10.98 -5.04 -0.95
C ILE D 48 10.26 -6.08 -0.07
N GLU D 49 8.94 -6.07 -0.06
CA GLU D 49 8.19 -7.01 0.77
C GLU D 49 8.37 -8.44 0.29
N LYS D 50 8.89 -8.60 -0.93
CA LYS D 50 9.17 -9.92 -1.44
C LYS D 50 10.59 -10.40 -1.15
N VAL D 51 11.57 -9.49 -1.07
CA VAL D 51 12.94 -9.95 -0.85
C VAL D 51 13.07 -10.44 0.59
N VAL D 52 12.34 -9.76 1.46
CA VAL D 52 12.27 -10.03 2.89
C VAL D 52 11.85 -11.48 3.18
N GLN D 53 11.15 -12.09 2.24
CA GLN D 53 10.73 -13.47 2.37
C GLN D 53 11.79 -14.46 1.90
N MET D 54 12.93 -14.02 1.37
CA MET D 54 13.81 -15.01 0.72
C MET D 54 14.85 -15.67 1.64
N THR D 55 15.32 -16.85 1.26
CA THR D 55 16.37 -17.55 2.00
C THR D 55 17.72 -17.34 1.30
N ASN D 56 18.80 -17.82 1.91
CA ASN D 56 20.13 -17.71 1.28
C ASN D 56 20.15 -18.54 -0.01
N ASP D 57 19.47 -19.67 0.07
CA ASP D 57 19.18 -20.56 -1.04
C ASP D 57 18.58 -19.80 -2.24
N ASP D 58 17.70 -18.84 -1.98
CA ASP D 58 17.12 -18.03 -3.04
C ASP D 58 18.12 -17.06 -3.68
N ILE D 59 19.01 -16.50 -2.87
CA ILE D 59 20.07 -15.63 -3.39
C ILE D 59 20.89 -16.32 -4.48
N LYS D 60 21.32 -17.56 -4.22
CA LYS D 60 22.00 -18.39 -5.19
C LYS D 60 21.10 -18.70 -6.39
N ARG D 61 19.88 -19.15 -6.12
CA ARG D 61 18.89 -19.49 -7.14
C ARG D 61 18.73 -18.41 -8.22
N ILE D 62 18.71 -17.14 -7.81
CA ILE D 62 18.45 -16.05 -8.75
C ILE D 62 19.68 -15.65 -9.56
N GLY D 63 20.78 -16.34 -9.28
CA GLY D 63 22.01 -16.18 -10.05
C GLY D 63 23.12 -15.37 -9.40
N VAL D 64 23.09 -15.23 -8.07
CA VAL D 64 24.24 -14.63 -7.38
C VAL D 64 25.22 -15.76 -7.03
N ARG D 65 26.30 -15.87 -7.80
CA ARG D 65 27.24 -16.99 -7.62
C ARG D 65 28.54 -16.59 -6.91
N LEU D 66 28.94 -15.33 -7.04
CA LEU D 66 30.19 -14.87 -6.49
C LEU D 66 30.15 -14.89 -4.96
N PRO D 67 31.18 -15.51 -4.33
CA PRO D 67 31.23 -15.74 -2.88
C PRO D 67 31.11 -14.47 -2.05
N GLY D 68 31.94 -13.48 -2.33
CA GLY D 68 31.85 -12.16 -1.69
C GLY D 68 30.48 -11.53 -1.79
N HIS D 69 29.90 -11.60 -2.98
CA HIS D 69 28.56 -11.04 -3.25
C HIS D 69 27.43 -11.71 -2.49
N GLN D 70 27.47 -13.04 -2.39
CA GLN D 70 26.48 -13.78 -1.57
C GLN D 70 26.52 -13.35 -0.09
N LYS D 71 27.70 -13.34 0.53
CA LYS D 71 27.80 -12.91 1.93
C LYS D 71 27.31 -11.50 2.11
N ARG D 72 27.72 -10.57 1.22
CA ARG D 72 27.29 -9.20 1.34
C ARG D 72 25.76 -9.12 1.36
N ILE D 73 25.13 -9.85 0.44
CA ILE D 73 23.69 -9.76 0.29
C ILE D 73 22.99 -10.46 1.45
N ALA D 74 23.46 -11.64 1.81
CA ALA D 74 22.84 -12.44 2.89
C ALA D 74 22.90 -11.69 4.20
N TYR D 75 24.02 -11.03 4.44
CA TYR D 75 24.19 -10.27 5.65
C TYR D 75 23.20 -9.11 5.71
N SER D 76 23.16 -8.31 4.65
CA SER D 76 22.18 -7.24 4.55
C SER D 76 20.71 -7.74 4.67
N LEU D 77 20.38 -8.83 3.98
CA LEU D 77 19.06 -9.46 4.08
C LEU D 77 18.70 -9.86 5.50
N LEU D 78 19.67 -10.41 6.23
CA LEU D 78 19.47 -10.78 7.63
C LEU D 78 18.99 -9.56 8.42
N GLY D 79 19.64 -8.41 8.20
CA GLY D 79 19.21 -7.14 8.78
C GLY D 79 17.81 -6.65 8.40
N LEU D 80 17.45 -6.75 7.11
CA LEU D 80 16.09 -6.37 6.69
C LEU D 80 15.01 -7.19 7.39
N LYS D 81 15.27 -8.49 7.52
CA LYS D 81 14.28 -9.40 8.04
C LYS D 81 14.06 -9.13 9.51
N ASP D 82 15.16 -8.78 10.20
CA ASP D 82 15.15 -8.48 11.63
C ASP D 82 14.38 -7.21 11.94
N GLN D 83 14.30 -6.29 11.00
CA GLN D 83 13.57 -5.09 11.30
C GLN D 83 12.15 -5.13 10.79
N VAL D 84 11.80 -6.18 10.05
CA VAL D 84 10.49 -6.29 9.43
C VAL D 84 9.68 -7.41 10.09
N ASN D 85 10.35 -8.46 10.56
CA ASN D 85 9.70 -9.51 11.38
C ASN D 85 10.07 -9.26 12.84
N GLY E 18 1.26 6.97 1.60
CA GLY E 18 0.98 5.72 0.81
C GLY E 18 2.16 5.23 -0.03
N VAL E 19 2.11 5.50 -1.33
CA VAL E 19 3.13 5.07 -2.30
C VAL E 19 4.32 6.07 -2.41
N PRO E 20 5.57 5.57 -2.44
CA PRO E 20 6.69 6.53 -2.49
C PRO E 20 6.86 7.20 -3.86
N PHE E 21 6.19 6.67 -4.89
CA PHE E 21 6.38 7.09 -6.27
C PHE E 21 5.58 8.33 -6.61
N ARG E 22 6.31 9.36 -7.02
CA ARG E 22 5.73 10.59 -7.50
C ARG E 22 4.94 10.39 -8.82
N THR E 23 5.55 9.72 -9.79
CA THR E 23 4.96 9.60 -11.11
C THR E 23 4.75 8.14 -11.59
N VAL E 24 3.93 7.96 -12.61
CA VAL E 24 3.90 6.69 -13.33
C VAL E 24 5.34 6.23 -13.67
N SER E 25 6.15 7.17 -14.13
CA SER E 25 7.50 6.89 -14.55
C SER E 25 8.38 6.43 -13.38
N GLU E 26 8.19 7.03 -12.19
CA GLU E 26 8.94 6.62 -11.02
C GLU E 26 8.56 5.20 -10.59
N TRP E 27 7.28 4.85 -10.74
CA TRP E 27 6.81 3.49 -10.44
C TRP E 27 7.40 2.45 -11.39
N LEU E 28 7.36 2.70 -12.70
CA LEU E 28 7.99 1.79 -13.65
C LEU E 28 9.50 1.70 -13.42
N GLU E 29 10.14 2.84 -13.16
CA GLU E 29 11.54 2.85 -12.75
C GLU E 29 11.80 1.83 -11.62
N SER E 30 10.88 1.68 -10.68
CA SER E 30 11.12 0.80 -9.53
C SER E 30 11.10 -0.70 -9.89
N ILE E 31 10.48 -1.06 -11.01
CA ILE E 31 10.47 -2.43 -11.52
C ILE E 31 11.23 -2.57 -12.85
N LYS E 32 12.08 -1.58 -13.14
CA LYS E 32 12.94 -1.58 -14.33
C LYS E 32 12.13 -1.72 -15.59
N MET E 33 11.06 -0.94 -15.69
CA MET E 33 10.24 -0.93 -16.88
C MET E 33 9.98 0.49 -17.37
N GLN E 34 10.77 1.46 -16.88
CA GLN E 34 10.60 2.87 -17.29
C GLN E 34 10.71 3.14 -18.81
N GLN E 35 11.26 2.21 -19.59
CA GLN E 35 11.25 2.34 -21.06
C GLN E 35 9.84 2.21 -21.61
N TYR E 36 8.90 1.80 -20.75
CA TYR E 36 7.48 1.74 -21.12
C TYR E 36 6.72 3.04 -20.82
N THR E 37 7.38 4.01 -20.20
CA THR E 37 6.76 5.26 -19.77
C THR E 37 5.85 5.87 -20.84
N GLU E 38 6.42 6.05 -22.03
CA GLU E 38 5.77 6.60 -23.23
C GLU E 38 4.44 5.92 -23.59
N HIS E 39 4.45 4.59 -23.51
CA HIS E 39 3.30 3.77 -23.84
C HIS E 39 2.16 4.09 -22.89
N PHE E 40 2.50 4.28 -21.62
CA PHE E 40 1.53 4.67 -20.60
C PHE E 40 1.01 6.08 -20.83
N MET E 41 1.93 7.02 -20.99
CA MET E 41 1.57 8.42 -21.21
C MET E 41 0.74 8.63 -22.48
N ALA E 42 1.07 7.94 -23.57
CA ALA E 42 0.33 8.14 -24.83
C ALA E 42 -1.04 7.46 -24.80
N ALA E 43 -1.21 6.47 -23.92
CA ALA E 43 -2.50 5.80 -23.76
C ALA E 43 -3.39 6.51 -22.76
N GLY E 44 -2.90 7.60 -22.16
CA GLY E 44 -3.67 8.40 -21.21
C GLY E 44 -3.42 8.09 -19.74
N TYR E 45 -2.63 7.06 -19.46
CA TYR E 45 -2.31 6.66 -18.07
C TYR E 45 -1.30 7.62 -17.45
N THR E 46 -1.82 8.80 -17.13
CA THR E 46 -1.06 9.98 -16.73
C THR E 46 -0.61 9.88 -15.26
N ALA E 47 -1.42 9.23 -14.43
CA ALA E 47 -1.18 9.17 -12.98
C ALA E 47 -1.23 7.74 -12.46
N ILE E 48 -0.68 7.53 -11.27
CA ILE E 48 -0.80 6.23 -10.60
C ILE E 48 -2.27 5.91 -10.26
N GLU E 49 -3.03 6.91 -9.82
CA GLU E 49 -4.46 6.74 -9.56
C GLU E 49 -5.19 6.23 -10.81
N LYS E 50 -4.67 6.57 -12.00
CA LYS E 50 -5.19 6.07 -13.28
C LYS E 50 -4.74 4.63 -13.54
N VAL E 51 -3.46 4.38 -13.28
CA VAL E 51 -2.84 3.07 -13.51
C VAL E 51 -3.54 1.92 -12.76
N VAL E 52 -3.97 2.17 -11.53
CA VAL E 52 -4.36 1.07 -10.65
C VAL E 52 -5.64 0.32 -11.05
N GLN E 53 -6.45 0.90 -11.93
CA GLN E 53 -7.64 0.21 -12.43
C GLN E 53 -7.49 -0.25 -13.88
N MET E 54 -6.28 -0.68 -14.25
CA MET E 54 -6.03 -1.40 -15.50
C MET E 54 -6.24 -2.89 -15.28
N THR E 55 -6.67 -3.61 -16.32
CA THR E 55 -6.71 -5.08 -16.30
C THR E 55 -5.41 -5.61 -16.90
N ASN E 56 -5.22 -6.92 -16.94
CA ASN E 56 -4.05 -7.49 -17.62
C ASN E 56 -4.15 -7.31 -19.14
N ASP E 57 -5.39 -7.16 -19.63
CA ASP E 57 -5.70 -6.87 -21.02
C ASP E 57 -5.27 -5.48 -21.44
N ASP E 58 -5.34 -4.54 -20.50
CA ASP E 58 -4.88 -3.17 -20.75
C ASP E 58 -3.34 -3.07 -20.77
N ILE E 59 -2.64 -4.08 -20.24
CA ILE E 59 -1.19 -4.17 -20.42
C ILE E 59 -0.95 -4.47 -21.91
N LYS E 60 -1.58 -5.53 -22.43
CA LYS E 60 -1.55 -5.89 -23.86
C LYS E 60 -1.92 -4.70 -24.76
N ARG E 61 -3.15 -4.20 -24.64
CA ARG E 61 -3.62 -3.11 -25.48
C ARG E 61 -2.62 -1.96 -25.64
N ILE E 62 -1.96 -1.59 -24.54
CA ILE E 62 -1.12 -0.41 -24.47
C ILE E 62 0.20 -0.55 -25.25
N GLY E 63 0.50 -1.78 -25.67
CA GLY E 63 1.73 -2.07 -26.41
C GLY E 63 2.87 -2.76 -25.65
N VAL E 64 2.64 -3.17 -24.41
CA VAL E 64 3.55 -4.09 -23.75
C VAL E 64 3.21 -5.48 -24.29
N ARG E 65 4.06 -6.01 -25.17
CA ARG E 65 3.77 -7.31 -25.77
C ARG E 65 4.78 -8.41 -25.46
N LEU E 66 5.89 -8.07 -24.82
CA LEU E 66 6.81 -9.10 -24.35
C LEU E 66 6.25 -9.79 -23.08
N PRO E 67 6.06 -11.13 -23.15
CA PRO E 67 5.32 -11.86 -22.12
C PRO E 67 5.86 -11.72 -20.69
N GLY E 68 7.19 -11.63 -20.56
CA GLY E 68 7.83 -11.46 -19.25
C GLY E 68 7.62 -10.06 -18.72
N HIS E 69 7.50 -9.10 -19.62
CA HIS E 69 7.23 -7.73 -19.18
C HIS E 69 5.77 -7.56 -18.77
N GLN E 70 4.88 -8.16 -19.55
CA GLN E 70 3.46 -8.28 -19.22
C GLN E 70 3.25 -8.78 -17.79
N LYS E 71 3.85 -9.91 -17.46
CA LYS E 71 3.81 -10.53 -16.14
C LYS E 71 4.40 -9.63 -15.04
N ARG E 72 5.61 -9.10 -15.25
CA ARG E 72 6.23 -8.23 -14.24
C ARG E 72 5.36 -7.03 -13.91
N ILE E 73 4.78 -6.41 -14.93
CA ILE E 73 3.92 -5.24 -14.70
C ILE E 73 2.60 -5.67 -13.99
N ALA E 74 1.95 -6.73 -14.50
CA ALA E 74 0.69 -7.21 -13.93
C ALA E 74 0.82 -7.51 -12.43
N TYR E 75 1.90 -8.18 -12.04
CA TYR E 75 2.14 -8.57 -10.65
C TYR E 75 2.41 -7.35 -9.77
N SER E 76 3.17 -6.39 -10.27
CA SER E 76 3.41 -5.12 -9.59
C SER E 76 2.10 -4.31 -9.38
N LEU E 77 1.27 -4.19 -10.41
CA LEU E 77 -0.07 -3.58 -10.28
C LEU E 77 -0.90 -4.09 -9.09
N LEU E 78 -0.87 -5.40 -8.86
CA LEU E 78 -1.48 -6.05 -7.70
C LEU E 78 -1.01 -5.40 -6.41
N GLY E 79 0.30 -5.44 -6.14
CA GLY E 79 0.87 -4.73 -5.01
C GLY E 79 0.39 -3.30 -4.95
N LEU E 80 0.29 -2.66 -6.11
CA LEU E 80 0.01 -1.23 -6.19
C LEU E 80 -1.44 -0.83 -5.89
N LYS E 81 -2.41 -1.63 -6.35
CA LYS E 81 -3.84 -1.39 -6.07
C LYS E 81 -4.14 -1.41 -4.56
N ASP E 82 -3.48 -2.31 -3.82
CA ASP E 82 -3.54 -2.25 -2.35
C ASP E 82 -2.90 -0.97 -1.79
N GLN E 83 -2.04 -0.32 -2.59
CA GLN E 83 -1.13 0.82 -2.22
C GLN E 83 -0.06 0.40 -1.22
#